data_2BJM
#
_entry.id   2BJM
#
_cell.length_a   79.672
_cell.length_b   79.672
_cell.length_c   67.958
_cell.angle_alpha   90.00
_cell.angle_beta   90.00
_cell.angle_gamma   90.00
#
_symmetry.space_group_name_H-M   'I 4'
#
loop_
_entity.id
_entity.type
_entity.pdbx_description
1 polymer 'IGE SPE7 HEAVY CHAIN'
2 polymer 'IGE SPE7 LIGHT CHAIN'
3 non-polymer ANTHRONE
#
loop_
_entity_poly.entity_id
_entity_poly.type
_entity_poly.pdbx_seq_one_letter_code
_entity_poly.pdbx_strand_id
1 'polypeptide(L)'
;EVQLQQSGAELVKPGASVKLSCKASGYTFTSYWMHWVKQRPGRGLEWIGRIDPNGGGTKYNEKFKSKATLTVDKPSSTAY
MQLSSLTSEDSAVYYCARMWYYGTYYFDYWGQGTTLTVSS
;
H
2 'polypeptide(L)'
;QAVVTQESALTTSPGETVTLTCRSSTGAVTTSNYANWVQEKPDHLFTGLIGGTNNRAPGVPARFSGSLIGNKAALTITGA
QTEDEAIYFCALWYSNHLVFGGGTKLTVLE
;
L
#
# COMPACT_ATOMS: atom_id res chain seq x y z
N GLU A 1 4.77 -4.14 -13.92
CA GLU A 1 4.82 -3.01 -14.89
C GLU A 1 3.40 -2.60 -15.31
N VAL A 2 3.08 -1.31 -15.34
CA VAL A 2 4.00 -0.16 -15.14
C VAL A 2 4.62 -0.08 -13.74
N GLN A 3 5.77 0.61 -13.65
CA GLN A 3 6.64 0.57 -12.47
C GLN A 3 6.79 1.88 -11.68
N LEU A 4 7.01 1.73 -10.38
CA LEU A 4 7.29 2.84 -9.46
C LEU A 4 8.76 2.89 -9.06
N GLN A 5 9.28 4.11 -8.91
CA GLN A 5 10.70 4.29 -8.63
C GLN A 5 10.97 5.23 -7.43
N GLN A 6 11.55 4.67 -6.37
CA GLN A 6 11.98 5.40 -5.17
C GLN A 6 13.48 5.22 -4.95
N SER A 7 14.10 6.11 -4.18
CA SER A 7 15.52 5.97 -3.84
C SER A 7 15.72 4.84 -2.83
N GLY A 8 16.87 4.18 -2.90
CA GLY A 8 17.17 3.04 -2.04
C GLY A 8 17.17 3.39 -0.57
N ALA A 9 18.00 4.35 -0.20
CA ALA A 9 18.19 4.70 1.20
C ALA A 9 18.58 6.16 1.39
N GLU A 10 18.17 6.71 2.54
CA GLU A 10 18.52 8.06 2.92
C GLU A 10 18.95 8.08 4.39
N LEU A 11 19.99 8.86 4.66
CA LEU A 11 20.55 8.99 5.99
C LEU A 11 20.30 10.41 6.47
N VAL A 12 19.76 10.53 7.68
CA VAL A 12 19.53 11.85 8.26
C VAL A 12 19.84 11.83 9.76
N LYS A 13 19.74 13.01 10.38
CA LYS A 13 20.01 13.20 11.81
C LYS A 13 18.84 13.92 12.50
N PRO A 14 18.63 13.69 13.80
CA PRO A 14 17.52 14.32 14.51
C PRO A 14 17.51 15.84 14.41
N GLY A 15 16.35 16.40 14.05
CA GLY A 15 16.19 17.84 13.87
C GLY A 15 16.19 18.28 12.42
N ALA A 16 16.79 17.48 11.54
CA ALA A 16 16.89 17.84 10.13
C ALA A 16 15.58 17.57 9.37
N SER A 17 15.57 17.95 8.09
CA SER A 17 14.42 17.71 7.22
C SER A 17 14.86 16.88 6.02
N VAL A 18 14.12 15.81 5.74
CA VAL A 18 14.41 14.96 4.59
C VAL A 18 13.24 14.86 3.63
N LYS A 19 13.56 14.71 2.34
CA LYS A 19 12.57 14.55 1.28
C LYS A 19 12.78 13.23 0.55
N LEU A 20 11.70 12.46 0.40
CA LEU A 20 11.76 11.18 -0.32
C LEU A 20 10.93 11.27 -1.61
N SER A 21 11.41 10.62 -2.68
CA SER A 21 10.79 10.77 -4.01
C SER A 21 10.14 9.49 -4.57
N CYS A 22 9.13 9.69 -5.42
CA CYS A 22 8.38 8.59 -6.03
C CYS A 22 8.06 8.88 -7.50
N LYS A 23 8.73 8.14 -8.39
CA LYS A 23 8.65 8.40 -9.83
C LYS A 23 7.78 7.39 -10.56
N ALA A 24 7.06 7.87 -11.56
CA ALA A 24 6.25 7.04 -12.43
C ALA A 24 7.02 6.78 -13.70
N SER A 25 7.28 5.52 -14.03
CA SER A 25 7.92 5.24 -15.31
C SER A 25 6.90 4.74 -16.32
N GLY A 26 6.26 5.68 -17.01
CA GLY A 26 5.33 5.37 -18.08
C GLY A 26 3.86 5.54 -17.74
N TYR A 27 3.50 6.68 -17.14
CA TYR A 27 2.10 6.98 -16.84
C TYR A 27 1.68 8.47 -16.83
N THR A 28 0.47 8.71 -16.34
CA THR A 28 -0.17 10.02 -16.33
C THR A 28 -0.38 10.55 -14.90
N PHE A 29 0.45 11.50 -14.47
CA PHE A 29 0.31 12.11 -13.15
C PHE A 29 -1.00 12.88 -12.99
N THR A 30 -1.43 13.50 -14.09
CA THR A 30 -2.61 14.35 -14.07
C THR A 30 -3.93 13.59 -13.78
N SER A 31 -3.93 12.26 -13.93
CA SER A 31 -5.14 11.47 -13.67
C SER A 31 -5.28 10.86 -12.27
N TYR A 32 -4.15 10.41 -11.74
CA TYR A 32 -4.17 9.39 -10.69
C TYR A 32 -3.90 9.95 -9.27
N TRP A 33 -3.44 9.10 -8.36
CA TRP A 33 -3.23 9.46 -6.94
C TRP A 33 -1.93 8.87 -6.37
N MET A 34 -1.50 9.33 -5.18
CA MET A 34 -0.30 8.76 -4.53
C MET A 34 -0.34 8.66 -2.98
N HIS A 35 0.19 7.55 -2.47
CA HIS A 35 0.25 7.24 -1.03
C HIS A 35 1.68 7.17 -0.51
N TRP A 36 1.82 7.29 0.81
CA TRP A 36 3.06 6.99 1.51
C TRP A 36 2.75 6.13 2.72
N VAL A 37 3.43 4.99 2.81
CA VAL A 37 3.16 3.98 3.83
C VAL A 37 4.44 3.70 4.61
N LYS A 38 4.38 3.90 5.93
CA LYS A 38 5.52 3.60 6.81
C LYS A 38 5.44 2.17 7.34
N GLN A 39 6.47 1.38 7.06
CA GLN A 39 6.65 0.09 7.72
C GLN A 39 7.81 0.16 8.71
N ARG A 40 7.50 0.02 9.99
CA ARG A 40 8.53 -0.24 10.99
C ARG A 40 8.47 -1.73 11.36
N PRO A 41 9.57 -2.31 11.85
CA PRO A 41 9.56 -3.71 12.24
C PRO A 41 8.60 -3.95 13.39
N GLY A 42 7.56 -4.73 13.14
CA GLY A 42 6.59 -5.08 14.16
C GLY A 42 5.52 -4.02 14.42
N ARG A 43 5.54 -2.93 13.66
CA ARG A 43 4.46 -1.94 13.69
C ARG A 43 3.57 -2.16 12.48
N GLY A 44 3.99 -3.12 11.66
CA GLY A 44 3.36 -3.39 10.37
C GLY A 44 3.62 -2.27 9.39
N LEU A 45 2.60 -1.94 8.63
CA LEU A 45 2.61 -0.82 7.70
C LEU A 45 1.60 0.21 8.18
N GLU A 46 2.07 1.43 8.42
CA GLU A 46 1.18 2.52 8.80
C GLU A 46 1.01 3.53 7.67
N TRP A 47 -0.21 3.59 7.17
CA TRP A 47 -0.71 4.61 6.27
C TRP A 47 -0.36 6.01 6.76
N ILE A 48 0.20 6.86 5.87
CA ILE A 48 0.58 8.22 6.27
C ILE A 48 -0.20 9.35 5.56
N GLY A 49 0.00 9.52 4.25
CA GLY A 49 -0.51 10.73 3.55
C GLY A 49 -1.18 10.57 2.19
N ARG A 50 -1.27 11.67 1.42
CA ARG A 50 -1.70 11.63 -0.02
C ARG A 50 -1.14 12.80 -0.89
N ILE A 51 -1.56 12.91 -2.15
CA ILE A 51 -1.08 13.98 -3.07
C ILE A 51 -1.86 14.20 -4.38
N ASP A 52 -2.01 15.48 -4.75
CA ASP A 52 -2.65 15.92 -5.98
C ASP A 52 -1.87 17.12 -6.55
N PRO A 53 -1.51 17.06 -7.84
CA PRO A 53 -0.52 17.98 -8.43
C PRO A 53 -0.98 19.40 -8.78
N ASN A 54 -2.20 19.52 -9.29
CA ASN A 54 -2.71 20.79 -9.83
C ASN A 54 -2.93 21.86 -8.77
N GLY A 55 -4.12 21.89 -8.17
CA GLY A 55 -4.39 22.75 -7.02
C GLY A 55 -3.78 22.10 -5.80
N GLY A 56 -4.18 20.85 -5.56
CA GLY A 56 -3.61 20.06 -4.48
C GLY A 56 -4.62 19.31 -3.64
N GLY A 57 -4.13 18.28 -2.98
CA GLY A 57 -4.90 17.47 -2.04
C GLY A 57 -3.98 16.42 -1.48
N THR A 58 -3.12 16.83 -0.55
CA THR A 58 -2.15 15.94 0.08
C THR A 58 -2.56 15.73 1.53
N LYS A 59 -3.15 14.58 1.83
CA LYS A 59 -3.87 14.41 3.11
C LYS A 59 -3.25 13.44 4.12
N TYR A 60 -3.05 13.95 5.33
CA TYR A 60 -2.31 13.25 6.39
C TYR A 60 -3.20 12.86 7.58
N ASN A 61 -2.69 13.01 8.79
CA ASN A 61 -3.45 12.74 10.03
C ASN A 61 -2.86 13.58 11.16
N GLU A 62 -3.65 13.82 12.20
CA GLU A 62 -3.27 14.75 13.29
C GLU A 62 -2.07 14.30 14.14
N LYS A 63 -1.27 13.40 13.58
CA LYS A 63 0.06 13.09 14.07
C LYS A 63 1.05 13.47 12.96
N PHE A 64 0.61 13.31 11.72
CA PHE A 64 1.41 13.57 10.52
C PHE A 64 1.30 15.02 10.05
N LYS A 65 0.09 15.59 10.21
CA LYS A 65 -0.19 16.99 9.92
C LYS A 65 0.93 17.91 10.42
N SER A 66 1.80 17.67 11.12
CA SER A 66 2.93 18.50 11.44
C SER A 66 4.14 18.21 10.54
N LYS A 67 5.10 17.29 11.02
CA LYS A 67 6.32 17.26 10.23
C LYS A 67 6.18 16.62 8.84
N ALA A 68 5.15 15.80 8.66
CA ALA A 68 4.95 15.03 7.41
C ALA A 68 4.06 15.74 6.39
N THR A 69 4.58 15.85 5.17
CA THR A 69 3.99 16.66 4.10
C THR A 69 4.25 15.98 2.76
N LEU A 70 3.27 16.01 1.86
CA LEU A 70 3.47 15.41 0.53
C LEU A 70 3.26 16.40 -0.62
N THR A 71 3.77 16.06 -1.80
CA THR A 71 3.91 17.00 -2.92
C THR A 71 4.05 16.32 -4.28
N VAL A 72 4.07 17.13 -5.34
CA VAL A 72 4.34 16.67 -6.72
C VAL A 72 5.48 17.45 -7.40
N ASP A 73 5.77 17.11 -8.66
CA ASP A 73 6.81 17.76 -9.49
C ASP A 73 6.48 17.57 -10.98
N LYS A 74 6.38 18.67 -11.75
CA LYS A 74 5.79 18.62 -13.10
C LYS A 74 6.66 18.19 -14.31
N PRO A 75 7.68 18.97 -14.70
CA PRO A 75 8.47 18.69 -15.91
C PRO A 75 9.13 17.31 -15.96
N SER A 76 9.65 16.84 -14.83
CA SER A 76 10.17 15.47 -14.74
C SER A 76 9.03 14.51 -14.44
N SER A 77 8.18 14.93 -13.53
CA SER A 77 7.05 14.17 -12.93
C SER A 77 7.46 13.27 -11.75
N THR A 78 7.30 13.93 -10.47
CA THR A 78 7.56 13.16 -9.25
C THR A 78 6.65 13.52 -8.06
N ALA A 79 6.38 12.53 -7.21
CA ALA A 79 5.69 12.75 -5.93
C ALA A 79 6.70 12.87 -4.80
N TYR A 80 6.37 13.69 -3.80
CA TYR A 80 7.27 13.98 -2.69
C TYR A 80 6.69 13.62 -1.34
N MET A 81 7.55 13.20 -0.43
CA MET A 81 7.26 13.15 0.99
C MET A 81 8.34 13.90 1.76
N GLN A 82 7.91 14.86 2.59
CA GLN A 82 8.81 15.57 3.49
C GLN A 82 8.63 15.19 4.93
N LEU A 83 9.76 14.99 5.59
CA LEU A 83 9.81 14.81 7.02
C LEU A 83 10.63 15.93 7.64
N SER A 84 9.94 16.96 8.12
CA SER A 84 10.58 18.03 8.87
C SER A 84 10.71 17.59 10.33
N SER A 85 11.65 18.20 11.05
CA SER A 85 11.97 17.82 12.43
C SER A 85 12.21 16.32 12.60
N LEU A 86 13.14 15.76 11.84
CA LEU A 86 13.37 14.33 11.93
C LEU A 86 13.71 13.88 13.34
N THR A 87 13.07 12.78 13.75
CA THR A 87 13.31 12.16 15.05
C THR A 87 13.94 10.79 14.81
N SER A 88 14.50 10.21 15.88
CA SER A 88 15.03 8.85 15.80
C SER A 88 13.89 7.84 15.64
N GLU A 89 12.68 8.25 16.01
CA GLU A 89 11.48 7.42 15.86
C GLU A 89 10.96 7.38 14.42
N ASP A 90 11.49 8.26 13.56
CA ASP A 90 11.08 8.33 12.16
C ASP A 90 11.75 7.29 11.27
N SER A 91 12.73 6.58 11.83
CA SER A 91 13.49 5.55 11.10
C SER A 91 12.62 4.34 10.76
N ALA A 92 12.46 4.08 9.46
CA ALA A 92 11.61 3.02 8.92
C ALA A 92 11.82 2.85 7.42
N VAL A 93 10.99 2.01 6.79
CA VAL A 93 10.93 1.95 5.33
C VAL A 93 9.62 2.57 4.84
N TYR A 94 9.75 3.62 4.03
CA TYR A 94 8.59 4.33 3.48
C TYR A 94 8.28 3.91 2.06
N TYR A 95 7.10 3.34 1.90
CA TYR A 95 6.60 2.90 0.61
C TYR A 95 5.71 3.95 0.00
N CYS A 96 5.91 4.18 -1.30
CA CYS A 96 4.99 4.98 -2.09
C CYS A 96 4.19 4.03 -2.96
N ALA A 97 2.90 4.32 -3.16
CA ALA A 97 2.03 3.47 -3.97
C ALA A 97 1.12 4.30 -4.87
N ARG A 98 0.83 3.99 -6.52
CA ARG A 98 0.96 4.79 -7.78
C ARG A 98 -0.07 5.10 -8.93
N MET A 99 -0.97 4.18 -9.32
CA MET A 99 -1.78 4.46 -10.54
C MET A 99 -3.27 4.09 -10.53
N TRP A 100 -3.94 4.39 -11.64
CA TRP A 100 -5.40 4.21 -11.82
C TRP A 100 -6.24 4.84 -10.69
N TYR A 101 -7.46 4.36 -10.48
CA TYR A 101 -8.42 4.93 -9.52
C TYR A 101 -9.22 6.07 -10.16
N TYR A 102 -9.07 6.18 -11.46
CA TYR A 102 -9.79 7.15 -12.27
C TYR A 102 -11.09 6.56 -12.83
N GLY A 103 -11.06 5.28 -13.18
CA GLY A 103 -12.23 4.60 -13.73
C GLY A 103 -11.84 3.67 -14.86
N THR A 104 -10.53 3.45 -14.98
CA THR A 104 -9.96 2.54 -15.98
C THR A 104 -9.58 1.20 -15.32
N TYR A 105 -8.87 0.36 -16.06
CA TYR A 105 -8.47 -0.95 -15.55
C TYR A 105 -7.20 -0.90 -14.69
N TYR A 106 -6.66 -2.10 -14.47
CA TYR A 106 -5.32 -2.34 -13.96
C TYR A 106 -5.06 -1.80 -12.53
N PHE A 107 -3.79 -1.71 -12.11
CA PHE A 107 -3.49 -1.52 -10.68
C PHE A 107 -2.21 -0.72 -10.45
N ASP A 108 -2.12 -0.13 -9.25
CA ASP A 108 -0.87 0.40 -8.74
C ASP A 108 0.25 -0.65 -8.72
N TYR A 109 1.48 -0.17 -8.69
CA TYR A 109 2.65 -1.02 -8.48
C TYR A 109 3.32 -0.38 -7.28
N TRP A 110 3.31 -1.04 -6.13
CA TRP A 110 3.93 -0.48 -4.94
C TRP A 110 5.40 -0.18 -5.21
N GLY A 111 6.18 1.20 -5.00
CA GLY A 111 7.60 1.49 -5.08
C GLY A 111 8.31 0.43 -4.26
N GLN A 112 9.62 0.56 -4.13
CA GLN A 112 10.38 -0.50 -3.48
C GLN A 112 10.62 -0.19 -2.01
N GLY A 113 10.33 1.05 -1.63
CA GLY A 113 10.44 1.49 -0.25
C GLY A 113 11.80 2.09 0.06
N THR A 114 11.77 3.30 0.59
CA THR A 114 12.99 4.00 0.99
C THR A 114 13.31 3.77 2.46
N THR A 115 14.48 3.19 2.72
CA THR A 115 14.98 3.02 4.06
C THR A 115 15.56 4.34 4.55
N LEU A 116 14.93 4.91 5.56
CA LEU A 116 15.45 6.09 6.22
C LEU A 116 16.11 5.70 7.53
N THR A 117 17.41 5.97 7.63
CA THR A 117 18.14 5.80 8.88
C THR A 117 18.28 7.14 9.60
N VAL A 118 18.19 7.11 10.92
CA VAL A 118 18.41 8.27 11.78
C VAL A 118 18.89 7.79 13.15
N SER A 119 20.09 8.17 13.62
CA SER A 119 21.15 8.80 12.86
C SER A 119 22.45 8.05 13.21
N SER A 120 23.41 8.08 12.31
CA SER A 120 24.75 7.57 12.60
C SER A 120 25.80 8.36 11.81
N GLN B 1 -10.07 5.68 15.80
CA GLN B 1 -9.69 5.65 14.35
C GLN B 1 -10.20 4.37 13.69
N ALA B 2 -10.02 4.29 12.37
CA ALA B 2 -10.39 3.10 11.59
C ALA B 2 -9.37 1.97 11.75
N VAL B 3 -9.84 0.83 12.25
CA VAL B 3 -9.02 -0.37 12.38
C VAL B 3 -9.48 -1.42 11.38
N VAL B 4 -8.52 -1.98 10.63
CA VAL B 4 -8.79 -3.04 9.68
C VAL B 4 -8.33 -4.38 10.26
N THR B 5 -9.20 -5.39 10.23
CA THR B 5 -8.90 -6.70 10.79
C THR B 5 -8.94 -7.82 9.75
N GLN B 6 -7.84 -8.57 9.66
CA GLN B 6 -7.78 -9.80 8.86
C GLN B 6 -7.21 -10.94 9.71
N GLU B 7 -7.39 -12.18 9.24
CA GLU B 7 -6.84 -13.35 9.92
C GLU B 7 -5.32 -13.27 9.91
N SER B 8 -4.68 -13.89 10.90
CA SER B 8 -3.22 -13.85 10.99
C SER B 8 -2.54 -14.87 10.06
N ALA B 9 -3.12 -16.05 9.90
CA ALA B 9 -2.58 -17.08 9.00
C ALA B 9 -3.56 -18.17 8.61
N LEU B 10 -3.45 -18.57 7.36
CA LEU B 10 -4.22 -19.68 6.83
C LEU B 10 -3.25 -20.65 6.18
N THR B 11 -3.42 -21.93 6.49
CA THR B 11 -2.60 -22.99 5.89
C THR B 11 -3.42 -23.60 4.76
N THR B 12 -2.77 -23.91 3.65
CA THR B 12 -3.48 -24.55 2.54
C THR B 12 -2.67 -25.60 1.76
N SER B 13 -3.36 -26.29 0.87
CA SER B 13 -2.75 -27.28 -0.03
C SER B 13 -2.83 -26.78 -1.48
N PRO B 14 -1.91 -27.24 -2.34
CA PRO B 14 -1.93 -26.88 -3.76
C PRO B 14 -3.13 -27.47 -4.50
N GLY B 15 -3.78 -26.66 -5.32
CA GLY B 15 -4.99 -27.06 -6.03
C GLY B 15 -6.25 -26.79 -5.23
N GLU B 16 -6.06 -26.34 -4.00
CA GLU B 16 -7.15 -26.06 -3.08
C GLU B 16 -7.46 -24.56 -3.09
N THR B 17 -8.70 -24.21 -2.74
CA THR B 17 -9.14 -22.82 -2.76
C THR B 17 -9.22 -22.25 -1.34
N VAL B 18 -8.63 -21.06 -1.16
CA VAL B 18 -8.60 -20.39 0.15
C VAL B 18 -9.18 -18.97 0.07
N THR B 19 -9.79 -18.51 1.17
CA THR B 19 -10.37 -17.17 1.24
C THR B 19 -9.81 -16.35 2.41
N LEU B 20 -9.48 -15.10 2.12
CA LEU B 20 -8.96 -14.16 3.10
C LEU B 20 -9.98 -13.04 3.27
N THR B 21 -10.35 -12.74 4.52
CA THR B 21 -11.34 -11.71 4.78
C THR B 21 -10.70 -10.46 5.39
N CYS B 22 -11.44 -9.35 5.36
CA CYS B 22 -10.94 -8.05 5.77
C CYS B 22 -12.12 -7.23 6.25
N ARG B 23 -12.19 -6.94 7.54
CA ARG B 23 -13.31 -6.18 8.08
C ARG B 23 -12.97 -4.74 8.47
N SER B 24 -13.95 -3.86 8.33
CA SER B 24 -13.84 -2.48 8.78
C SER B 24 -14.36 -2.36 10.20
N SER B 25 -13.68 -1.58 11.03
CA SER B 25 -14.13 -1.31 12.39
C SER B 25 -15.21 -0.22 12.43
N THR B 26 -15.36 0.50 11.32
CA THR B 26 -16.33 1.59 11.21
C THR B 26 -17.73 1.13 10.79
N GLY B 27 -17.84 -0.13 10.36
CA GLY B 27 -19.09 -0.67 9.84
C GLY B 27 -18.79 -1.64 8.72
N ALA B 28 -19.62 -1.62 7.67
CA ALA B 28 -19.40 -2.48 6.52
C ALA B 28 -18.27 -1.97 5.64
N VAL B 29 -17.49 -2.89 5.09
CA VAL B 29 -16.59 -2.55 3.98
C VAL B 29 -17.48 -2.40 2.77
N THR B 30 -17.41 -1.23 2.15
CA THR B 30 -18.26 -0.91 1.03
C THR B 30 -17.35 -0.56 -0.15
N THR B 31 -17.95 -0.34 -1.31
CA THR B 31 -17.18 -0.10 -2.51
C THR B 31 -16.53 1.29 -2.56
N SER B 32 -16.90 2.17 -1.62
CA SER B 32 -16.20 3.44 -1.41
C SER B 32 -14.87 3.21 -0.70
N ASN B 33 -14.70 2.00 -0.16
CA ASN B 33 -13.44 1.59 0.46
C ASN B 33 -12.40 1.10 -0.55
N TYR B 34 -12.84 0.74 -1.75
CA TYR B 34 -11.96 0.24 -2.82
C TYR B 34 -10.94 -0.75 -2.28
N ALA B 35 -11.44 -1.87 -1.75
CA ALA B 35 -10.60 -2.84 -1.07
C ALA B 35 -9.36 -3.22 -1.87
N ASN B 36 -8.19 -3.04 -1.26
CA ASN B 36 -6.91 -3.38 -1.88
C ASN B 36 -6.28 -4.65 -1.31
N TRP B 37 -5.72 -5.46 -2.21
CA TRP B 37 -5.03 -6.70 -1.80
C TRP B 37 -3.61 -6.73 -2.36
N VAL B 38 -2.62 -6.76 -1.47
CA VAL B 38 -1.22 -6.70 -1.87
C VAL B 38 -0.40 -7.86 -1.28
N GLN B 39 0.13 -8.68 -2.18
CA GLN B 39 1.00 -9.79 -1.82
C GLN B 39 2.37 -9.26 -1.40
N GLU B 40 2.84 -9.71 -0.23
CA GLU B 40 4.22 -9.48 0.18
C GLU B 40 4.99 -10.78 0.28
N LYS B 41 6.13 -10.82 -0.40
CA LYS B 41 7.04 -11.96 -0.29
C LYS B 41 8.32 -11.50 0.43
N PRO B 42 9.08 -12.44 1.00
CA PRO B 42 10.35 -12.16 1.68
C PRO B 42 11.19 -11.00 1.12
N ASP B 43 11.86 -10.29 2.02
CA ASP B 43 12.67 -9.10 1.71
C ASP B 43 11.82 -7.91 1.24
N HIS B 44 10.77 -7.66 2.03
CA HIS B 44 9.93 -6.46 1.96
C HIS B 44 9.49 -6.07 0.53
N LEU B 45 9.15 -7.08 -0.26
CA LEU B 45 8.68 -6.88 -1.64
C LEU B 45 7.15 -6.93 -1.69
N PHE B 46 6.55 -5.77 -1.95
CA PHE B 46 5.09 -5.65 -2.03
C PHE B 46 4.64 -5.55 -3.48
N THR B 47 3.60 -6.30 -3.81
CA THR B 47 3.03 -6.32 -5.16
C THR B 47 1.51 -6.20 -5.08
N GLY B 48 0.97 -5.13 -5.67
CA GLY B 48 -0.47 -4.92 -5.70
C GLY B 48 -1.16 -5.93 -6.59
N LEU B 49 -2.08 -6.71 -5.99
CA LEU B 49 -2.80 -7.76 -6.72
C LEU B 49 -4.17 -7.29 -7.22
N ILE B 50 -4.95 -6.70 -6.32
CA ILE B 50 -6.31 -6.24 -6.64
C ILE B 50 -6.60 -4.87 -6.00
N GLY B 51 -7.20 -3.98 -6.78
CA GLY B 51 -7.62 -2.68 -6.29
C GLY B 51 -9.10 -2.47 -6.54
N GLY B 52 -9.71 -1.56 -5.78
CA GLY B 52 -11.13 -1.25 -5.91
C GLY B 52 -11.98 -2.51 -5.85
N THR B 53 -11.86 -3.23 -4.73
CA THR B 53 -12.62 -4.47 -4.47
C THR B 53 -12.26 -5.68 -5.36
N ASN B 54 -12.40 -5.54 -6.68
CA ASN B 54 -12.31 -6.70 -7.59
C ASN B 54 -11.49 -6.55 -8.88
N ASN B 55 -10.72 -5.47 -9.01
CA ASN B 55 -9.96 -5.23 -10.25
C ASN B 55 -8.51 -5.70 -10.19
N ARG B 56 -8.17 -6.62 -11.09
CA ARG B 56 -6.84 -7.22 -11.14
C ARG B 56 -5.79 -6.32 -11.79
N ALA B 57 -4.61 -6.30 -11.18
CA ALA B 57 -3.38 -5.75 -11.73
C ALA B 57 -3.01 -6.55 -12.97
N PRO B 58 -2.29 -5.95 -13.94
CA PRO B 58 -2.00 -6.65 -15.19
C PRO B 58 -1.20 -7.93 -14.97
N GLY B 59 -1.79 -9.06 -15.34
CA GLY B 59 -1.08 -10.33 -15.30
C GLY B 59 -1.18 -11.10 -13.99
N VAL B 60 -2.05 -10.62 -13.09
CA VAL B 60 -2.51 -11.46 -11.99
C VAL B 60 -3.45 -12.44 -12.66
N PRO B 61 -3.24 -13.75 -12.45
CA PRO B 61 -4.14 -14.75 -13.02
C PRO B 61 -5.58 -14.58 -12.53
N ALA B 62 -6.53 -15.12 -13.28
CA ALA B 62 -7.94 -15.03 -12.92
C ALA B 62 -8.31 -15.90 -11.71
N ARG B 63 -7.33 -16.63 -11.18
CA ARG B 63 -7.52 -17.46 -9.97
C ARG B 63 -7.68 -16.61 -8.73
N PHE B 64 -7.07 -15.42 -8.76
CA PHE B 64 -7.23 -14.40 -7.74
C PHE B 64 -8.42 -13.53 -8.10
N SER B 65 -9.32 -13.35 -7.14
CA SER B 65 -10.47 -12.48 -7.32
C SER B 65 -10.89 -11.90 -5.98
N GLY B 66 -11.26 -10.62 -6.00
CA GLY B 66 -11.78 -9.97 -4.81
C GLY B 66 -13.28 -9.77 -4.92
N SER B 67 -13.92 -9.59 -3.77
CA SER B 67 -15.36 -9.35 -3.71
C SER B 67 -15.76 -8.85 -2.33
N LEU B 68 -16.97 -8.30 -2.22
CA LEU B 68 -17.55 -8.02 -0.92
C LEU B 68 -18.44 -9.18 -0.51
N ILE B 69 -18.26 -9.64 0.73
CA ILE B 69 -19.11 -10.69 1.31
C ILE B 69 -19.64 -10.24 2.66
N GLY B 70 -20.97 -10.05 2.73
CA GLY B 70 -21.60 -9.54 3.94
C GLY B 70 -21.12 -8.13 4.25
N ASN B 71 -20.43 -7.97 5.37
CA ASN B 71 -19.88 -6.68 5.77
C ASN B 71 -18.35 -6.61 5.59
N LYS B 72 -17.78 -7.67 5.01
CA LYS B 72 -16.33 -7.76 4.82
C LYS B 72 -15.96 -7.87 3.34
N ALA B 73 -14.72 -7.47 3.03
CA ALA B 73 -14.14 -7.72 1.72
C ALA B 73 -13.40 -9.06 1.76
N ALA B 74 -13.45 -9.80 0.66
CA ALA B 74 -12.79 -11.10 0.57
C ALA B 74 -11.83 -11.18 -0.60
N LEU B 75 -10.72 -11.88 -0.38
CA LEU B 75 -9.83 -12.30 -1.46
C LEU B 75 -9.81 -13.82 -1.50
N THR B 76 -10.16 -14.36 -2.67
CA THR B 76 -10.20 -15.80 -2.87
C THR B 76 -9.15 -16.22 -3.89
N ILE B 77 -8.40 -17.27 -3.55
CA ILE B 77 -7.38 -17.83 -4.44
C ILE B 77 -7.76 -19.25 -4.84
N THR B 78 -7.95 -19.45 -6.14
CA THR B 78 -8.36 -20.73 -6.71
C THR B 78 -7.15 -21.51 -7.20
N GLY B 79 -7.12 -22.81 -6.92
CA GLY B 79 -6.03 -23.67 -7.37
C GLY B 79 -4.70 -23.13 -6.90
N ALA B 80 -4.54 -23.08 -5.57
CA ALA B 80 -3.32 -22.59 -4.94
C ALA B 80 -2.09 -23.32 -5.45
N GLN B 81 -1.02 -22.56 -5.65
CA GLN B 81 0.28 -23.12 -6.01
C GLN B 81 1.22 -22.91 -4.83
N THR B 82 2.42 -23.45 -4.92
CA THR B 82 3.44 -23.27 -3.89
C THR B 82 4.02 -21.84 -3.97
N GLU B 83 4.01 -21.26 -5.16
CA GLU B 83 4.48 -19.88 -5.39
C GLU B 83 3.55 -18.83 -4.76
N ASP B 84 2.34 -19.27 -4.39
CA ASP B 84 1.33 -18.41 -3.77
C ASP B 84 1.57 -18.11 -2.29
N GLU B 85 2.53 -18.83 -1.69
CA GLU B 85 2.87 -18.64 -0.29
C GLU B 85 3.49 -17.26 -0.05
N ALA B 86 2.73 -16.39 0.63
CA ALA B 86 3.14 -15.01 0.89
C ALA B 86 2.33 -14.39 2.02
N ILE B 87 2.56 -13.10 2.27
CA ILE B 87 1.74 -12.33 3.22
C ILE B 87 0.82 -11.37 2.45
N TYR B 88 -0.48 -11.60 2.58
CA TYR B 88 -1.50 -10.82 1.88
C TYR B 88 -2.14 -9.78 2.80
N PHE B 89 -1.81 -8.52 2.53
CA PHE B 89 -2.32 -7.38 3.28
C PHE B 89 -3.57 -6.81 2.62
N CYS B 90 -4.49 -6.34 3.46
CA CYS B 90 -5.66 -5.62 2.99
C CYS B 90 -5.55 -4.14 3.34
N ALA B 91 -5.84 -3.28 2.38
CA ALA B 91 -5.84 -1.83 2.59
C ALA B 91 -7.15 -1.21 2.15
N LEU B 92 -7.77 -0.45 3.04
CA LEU B 92 -9.05 0.19 2.75
C LEU B 92 -8.89 1.70 2.67
N TRP B 93 -9.60 2.30 1.72
CA TRP B 93 -9.60 3.75 1.51
C TRP B 93 -10.68 4.40 2.36
N TYR B 94 -10.28 5.31 3.25
CA TYR B 94 -11.23 6.06 4.05
C TYR B 94 -11.21 7.55 3.66
N SER B 95 -11.84 7.83 2.52
CA SER B 95 -11.99 9.19 1.98
C SER B 95 -10.74 9.78 1.32
N ASN B 96 -9.61 9.77 2.03
CA ASN B 96 -8.38 10.40 1.52
C ASN B 96 -7.07 9.68 1.87
N HIS B 97 -7.18 8.55 2.56
CA HIS B 97 -6.02 7.79 2.99
C HIS B 97 -6.35 6.31 3.14
N LEU B 98 -5.34 5.46 2.92
CA LEU B 98 -5.45 4.03 3.14
C LEU B 98 -5.31 3.71 4.63
N VAL B 99 -5.86 2.56 5.04
CA VAL B 99 -5.58 1.99 6.36
C VAL B 99 -5.37 0.49 6.18
N PHE B 100 -4.25 -0.03 6.68
CA PHE B 100 -3.84 -1.42 6.47
C PHE B 100 -4.22 -2.34 7.63
N GLY B 101 -4.53 -3.59 7.27
CA GLY B 101 -4.62 -4.66 8.26
C GLY B 101 -3.24 -5.24 8.50
N GLY B 102 -3.17 -6.25 9.37
CA GLY B 102 -1.88 -6.84 9.78
C GLY B 102 -1.26 -7.79 8.77
N GLY B 103 -2.05 -8.22 7.78
CA GLY B 103 -1.57 -9.14 6.77
C GLY B 103 -1.82 -10.58 7.13
N THR B 104 -2.39 -11.33 6.19
CA THR B 104 -2.64 -12.75 6.38
C THR B 104 -1.52 -13.54 5.73
N LYS B 105 -0.76 -14.25 6.56
CA LYS B 105 0.28 -15.15 6.08
C LYS B 105 -0.38 -16.40 5.53
N LEU B 106 -0.12 -16.70 4.26
CA LEU B 106 -0.65 -17.92 3.67
C LEU B 106 0.44 -18.96 3.53
N THR B 107 0.27 -20.10 4.19
CA THR B 107 1.19 -21.22 4.03
C THR B 107 0.59 -22.26 3.09
N VAL B 108 1.38 -22.68 2.11
CA VAL B 108 1.00 -23.76 1.22
C VAL B 108 1.92 -24.96 1.50
N LEU B 109 1.32 -26.10 1.82
CA LEU B 109 2.09 -27.31 2.08
C LEU B 109 1.76 -28.45 1.12
N GLU B 110 2.60 -28.66 0.11
CA GLU B 110 3.66 -27.72 -0.26
C GLU B 110 3.71 -27.62 -1.77
#